data_5E61
# 
_entry.id   5E61 
# 
_audit_conform.dict_name       mmcif_pdbx.dic 
_audit_conform.dict_version    5.387 
_audit_conform.dict_location   http://mmcif.pdb.org/dictionaries/ascii/mmcif_pdbx.dic 
# 
loop_
_database_2.database_id 
_database_2.database_code 
_database_2.pdbx_database_accession 
_database_2.pdbx_DOI 
PDB   5E61         pdb_00005e61 10.2210/pdb5e61/pdb 
WWPDB D_1000214422 ?            ?                   
# 
loop_
_pdbx_audit_revision_history.ordinal 
_pdbx_audit_revision_history.data_content_type 
_pdbx_audit_revision_history.major_revision 
_pdbx_audit_revision_history.minor_revision 
_pdbx_audit_revision_history.revision_date 
1 'Structure model' 1 0 2015-12-16 
2 'Structure model' 1 1 2016-01-20 
3 'Structure model' 1 2 2016-07-20 
4 'Structure model' 1 3 2024-03-06 
# 
_pdbx_audit_revision_details.ordinal             1 
_pdbx_audit_revision_details.revision_ordinal    1 
_pdbx_audit_revision_details.data_content_type   'Structure model' 
_pdbx_audit_revision_details.provider            repository 
_pdbx_audit_revision_details.type                'Initial release' 
_pdbx_audit_revision_details.description         ? 
_pdbx_audit_revision_details.details             ? 
# 
loop_
_pdbx_audit_revision_group.ordinal 
_pdbx_audit_revision_group.revision_ordinal 
_pdbx_audit_revision_group.data_content_type 
_pdbx_audit_revision_group.group 
1 2 'Structure model' 'Database references'  
2 3 'Structure model' 'Database references'  
3 4 'Structure model' 'Data collection'      
4 4 'Structure model' 'Database references'  
5 4 'Structure model' 'Derived calculations' 
# 
loop_
_pdbx_audit_revision_category.ordinal 
_pdbx_audit_revision_category.revision_ordinal 
_pdbx_audit_revision_category.data_content_type 
_pdbx_audit_revision_category.category 
1 4 'Structure model' chem_comp_atom        
2 4 'Structure model' chem_comp_bond        
3 4 'Structure model' citation              
4 4 'Structure model' database_2            
5 4 'Structure model' pdbx_struct_oper_list 
6 4 'Structure model' struct_ref_seq        
# 
loop_
_pdbx_audit_revision_item.ordinal 
_pdbx_audit_revision_item.revision_ordinal 
_pdbx_audit_revision_item.data_content_type 
_pdbx_audit_revision_item.item 
1 4 'Structure model' '_citation.journal_id_CSD'                  
2 4 'Structure model' '_database_2.pdbx_DOI'                      
3 4 'Structure model' '_database_2.pdbx_database_accession'       
4 4 'Structure model' '_pdbx_struct_oper_list.symmetry_operation' 
5 4 'Structure model' '_struct_ref_seq.db_align_beg'              
6 4 'Structure model' '_struct_ref_seq.db_align_end'              
# 
_pdbx_database_status.status_code                     REL 
_pdbx_database_status.status_code_sf                  REL 
_pdbx_database_status.status_code_mr                  ? 
_pdbx_database_status.entry_id                        5E61 
_pdbx_database_status.recvd_initial_deposition_date   2015-10-09 
_pdbx_database_status.SG_entry                        N 
_pdbx_database_status.deposit_site                    RCSB 
_pdbx_database_status.process_site                    RCSB 
_pdbx_database_status.status_code_cs                  ? 
_pdbx_database_status.methods_development_category    ? 
_pdbx_database_status.pdb_format_compatible           Y 
_pdbx_database_status.status_code_nmr_data            ? 
# 
loop_
_pdbx_database_related.content_type 
_pdbx_database_related.db_id 
_pdbx_database_related.db_name 
_pdbx_database_related.details 
unspecified 5E5V PDB . 
unspecified 5E5X PDB . 
unspecified 5E5Z PDB . 
# 
loop_
_audit_author.name 
_audit_author.pdbx_ordinal 
'Soriaga, A.B.' 1 
'Eisenberg, D.' 2 
# 
_citation.abstract                  ? 
_citation.abstract_id_CAS           ? 
_citation.book_id_ISBN              ? 
_citation.book_publisher            ? 
_citation.book_publisher_city       ? 
_citation.book_title                ? 
_citation.coordinate_linkage        ? 
_citation.country                   US 
_citation.database_id_Medline       ? 
_citation.details                   ? 
_citation.id                        primary 
_citation.journal_abbrev            J.Phys.Chem.B 
_citation.journal_id_ASTM           JPCBFK 
_citation.journal_id_CSD            1278 
_citation.journal_id_ISSN           1089-5647 
_citation.journal_full              ? 
_citation.journal_issue             ? 
_citation.journal_volume            120 
_citation.language                  ? 
_citation.page_first                5810 
_citation.page_last                 5816 
_citation.title                     
'Crystal Structures of IAPP Amyloidogenic Segments Reveal a Novel Packing Motif of Out-of-Register Beta Sheets.' 
_citation.year                      2016 
_citation.database_id_CSD           ? 
_citation.pdbx_database_id_DOI      10.1021/acs.jpcb.5b09981 
_citation.pdbx_database_id_PubMed   26629790 
_citation.unpublished_flag          ? 
# 
loop_
_citation_author.citation_id 
_citation_author.name 
_citation_author.ordinal 
_citation_author.identifier_ORCID 
primary 'Soriaga, A.B.' 1 ? 
primary 'Sangwan, S.'   2 ? 
primary 'Macdonald, R.' 3 ? 
primary 'Sawaya, M.R.'  4 ? 
primary 'Eisenberg, D.' 5 ? 
# 
_entity.id                         1 
_entity.type                       polymer 
_entity.src_method                 syn 
_entity.pdbx_description           'FGAILSS (residues 23-29) from islet amyloid polypeptide' 
_entity.formula_weight             693.790 
_entity.pdbx_number_of_molecules   2 
_entity.pdbx_ec                    ? 
_entity.pdbx_mutation              ? 
_entity.pdbx_fragment              ? 
_entity.details                    ? 
# 
_entity_poly.entity_id                      1 
_entity_poly.type                           'polypeptide(L)' 
_entity_poly.nstd_linkage                   no 
_entity_poly.nstd_monomer                   no 
_entity_poly.pdbx_seq_one_letter_code       FGAILSS 
_entity_poly.pdbx_seq_one_letter_code_can   FGAILSS 
_entity_poly.pdbx_strand_id                 A,B 
_entity_poly.pdbx_target_identifier         ? 
# 
loop_
_entity_poly_seq.entity_id 
_entity_poly_seq.num 
_entity_poly_seq.mon_id 
_entity_poly_seq.hetero 
1 1 PHE n 
1 2 GLY n 
1 3 ALA n 
1 4 ILE n 
1 5 LEU n 
1 6 SER n 
1 7 SER n 
# 
_pdbx_entity_src_syn.entity_id              1 
_pdbx_entity_src_syn.pdbx_src_id            1 
_pdbx_entity_src_syn.pdbx_alt_source_flag   sample 
_pdbx_entity_src_syn.pdbx_beg_seq_num       1 
_pdbx_entity_src_syn.pdbx_end_seq_num       7 
_pdbx_entity_src_syn.organism_scientific    'Homo sapiens' 
_pdbx_entity_src_syn.organism_common_name   ? 
_pdbx_entity_src_syn.ncbi_taxonomy_id       9606 
_pdbx_entity_src_syn.details                ? 
# 
loop_
_chem_comp.id 
_chem_comp.type 
_chem_comp.mon_nstd_flag 
_chem_comp.name 
_chem_comp.pdbx_synonyms 
_chem_comp.formula 
_chem_comp.formula_weight 
ALA 'L-peptide linking' y ALANINE       ? 'C3 H7 N O2'  89.093  
GLY 'peptide linking'   y GLYCINE       ? 'C2 H5 N O2'  75.067  
ILE 'L-peptide linking' y ISOLEUCINE    ? 'C6 H13 N O2' 131.173 
LEU 'L-peptide linking' y LEUCINE       ? 'C6 H13 N O2' 131.173 
PHE 'L-peptide linking' y PHENYLALANINE ? 'C9 H11 N O2' 165.189 
SER 'L-peptide linking' y SERINE        ? 'C3 H7 N O3'  105.093 
# 
loop_
_pdbx_poly_seq_scheme.asym_id 
_pdbx_poly_seq_scheme.entity_id 
_pdbx_poly_seq_scheme.seq_id 
_pdbx_poly_seq_scheme.mon_id 
_pdbx_poly_seq_scheme.ndb_seq_num 
_pdbx_poly_seq_scheme.pdb_seq_num 
_pdbx_poly_seq_scheme.auth_seq_num 
_pdbx_poly_seq_scheme.pdb_mon_id 
_pdbx_poly_seq_scheme.auth_mon_id 
_pdbx_poly_seq_scheme.pdb_strand_id 
_pdbx_poly_seq_scheme.pdb_ins_code 
_pdbx_poly_seq_scheme.hetero 
A 1 1 PHE 1 1 1 PHE PHE A . n 
A 1 2 GLY 2 2 2 GLY ALA A . n 
A 1 3 ALA 3 3 3 ALA ALA A . n 
A 1 4 ILE 4 4 4 ILE ILE A . n 
A 1 5 LEU 5 5 5 LEU LEU A . n 
A 1 6 SER 6 6 6 SER SER A . n 
A 1 7 SER 7 7 7 SER SER A . n 
B 1 1 PHE 1 1 0 PHE PHE B . n 
B 1 2 GLY 2 2 1 GLY GLY B . n 
B 1 3 ALA 3 3 2 ALA ALA B . n 
B 1 4 ILE 4 4 3 ILE ILE B . n 
B 1 5 LEU 5 5 4 LEU LEU B . n 
B 1 6 SER 6 6 5 SER SER B . n 
B 1 7 SER 7 7 6 SER SER B . n 
# 
loop_
_software.citation_id 
_software.classification 
_software.compiler_name 
_software.compiler_version 
_software.contact_author 
_software.contact_author_email 
_software.date 
_software.description 
_software.dependencies 
_software.hardware 
_software.language 
_software.location 
_software.mods 
_software.name 
_software.os 
_software.os_version 
_software.type 
_software.version 
_software.pdbx_ordinal 
? refinement       ? ? ? ? ? ? ? ? ? ? ? REFMAC ? ? ? 5.7.0032 1 
? 'data reduction' ? ? ? ? ? ? ? ? ? ? ? XDS    ? ? ? .        2 
? 'data scaling'   ? ? ? ? ? ? ? ? ? ? ? XDS    ? ? ? .        3 
? phasing          ? ? ? ? ? ? ? ? ? ? ? PHASER ? ? ? .        4 
# 
_cell.angle_alpha                  88.22 
_cell.angle_alpha_esd              ? 
_cell.angle_beta                   80.00 
_cell.angle_beta_esd               ? 
_cell.angle_gamma                  70.34 
_cell.angle_gamma_esd              ? 
_cell.entry_id                     5E61 
_cell.details                      ? 
_cell.formula_units_Z              ? 
_cell.length_a                     8.770 
_cell.length_a_esd                 ? 
_cell.length_b                     9.500 
_cell.length_b_esd                 ? 
_cell.length_c                     24.740 
_cell.length_c_esd                 ? 
_cell.volume                       ? 
_cell.volume_esd                   ? 
_cell.Z_PDB                        2 
_cell.reciprocal_angle_alpha       ? 
_cell.reciprocal_angle_beta        ? 
_cell.reciprocal_angle_gamma       ? 
_cell.reciprocal_angle_alpha_esd   ? 
_cell.reciprocal_angle_beta_esd    ? 
_cell.reciprocal_angle_gamma_esd   ? 
_cell.reciprocal_length_a          ? 
_cell.reciprocal_length_b          ? 
_cell.reciprocal_length_c          ? 
_cell.reciprocal_length_a_esd      ? 
_cell.reciprocal_length_b_esd      ? 
_cell.reciprocal_length_c_esd      ? 
_cell.pdbx_unique_axis             ? 
# 
_symmetry.entry_id                         5E61 
_symmetry.cell_setting                     ? 
_symmetry.Int_Tables_number                1 
_symmetry.space_group_name_Hall            ? 
_symmetry.space_group_name_H-M             'P 1' 
_symmetry.pdbx_full_space_group_name_H-M   ? 
# 
_exptl.absorpt_coefficient_mu     ? 
_exptl.absorpt_correction_T_max   ? 
_exptl.absorpt_correction_T_min   ? 
_exptl.absorpt_correction_type    ? 
_exptl.absorpt_process_details    ? 
_exptl.entry_id                   5E61 
_exptl.crystals_number            ? 
_exptl.details                    ? 
_exptl.method                     'X-RAY DIFFRACTION' 
_exptl.method_details             ? 
# 
_exptl_crystal.colour                      ? 
_exptl_crystal.density_diffrn              ? 
_exptl_crystal.density_Matthews            1.38 
_exptl_crystal.density_method              ? 
_exptl_crystal.density_percent_sol         10.68 
_exptl_crystal.description                 ? 
_exptl_crystal.F_000                       ? 
_exptl_crystal.id                          1 
_exptl_crystal.preparation                 ? 
_exptl_crystal.size_max                    ? 
_exptl_crystal.size_mid                    ? 
_exptl_crystal.size_min                    ? 
_exptl_crystal.size_rad                    ? 
_exptl_crystal.colour_lustre               ? 
_exptl_crystal.colour_modifier             ? 
_exptl_crystal.colour_primary              ? 
_exptl_crystal.density_meas                ? 
_exptl_crystal.density_meas_esd            ? 
_exptl_crystal.density_meas_gt             ? 
_exptl_crystal.density_meas_lt             ? 
_exptl_crystal.density_meas_temp           ? 
_exptl_crystal.density_meas_temp_esd       ? 
_exptl_crystal.density_meas_temp_gt        ? 
_exptl_crystal.density_meas_temp_lt        ? 
_exptl_crystal.pdbx_crystal_image_url      ? 
_exptl_crystal.pdbx_crystal_image_format   ? 
_exptl_crystal.pdbx_mosaicity              ? 
_exptl_crystal.pdbx_mosaicity_esd          ? 
# 
_exptl_crystal_grow.apparatus       ? 
_exptl_crystal_grow.atmosphere      ? 
_exptl_crystal_grow.crystal_id      1 
_exptl_crystal_grow.details         ? 
_exptl_crystal_grow.method          'VAPOR DIFFUSION, HANGING DROP' 
_exptl_crystal_grow.method_ref      ? 
_exptl_crystal_grow.pH              ? 
_exptl_crystal_grow.pressure        ? 
_exptl_crystal_grow.pressure_esd    ? 
_exptl_crystal_grow.seeding         ? 
_exptl_crystal_grow.seeding_ref     ? 
_exptl_crystal_grow.temp            291 
_exptl_crystal_grow.temp_details    ? 
_exptl_crystal_grow.temp_esd        ? 
_exptl_crystal_grow.time            ? 
_exptl_crystal_grow.pdbx_details    '6.4mg/ml in 20mM Lithium hydroxide and mixed with 0.1M HEPES pH 6.5 and 0.5M Sodium Formate' 
_exptl_crystal_grow.pdbx_pH_range   ? 
# 
_diffrn.ambient_environment    ? 
_diffrn.ambient_temp           291 
_diffrn.ambient_temp_details   ? 
_diffrn.ambient_temp_esd       ? 
_diffrn.crystal_id             1 
_diffrn.crystal_support        ? 
_diffrn.crystal_treatment      ? 
_diffrn.details                ? 
_diffrn.id                     1 
_diffrn.ambient_pressure       ? 
_diffrn.ambient_pressure_esd   ? 
_diffrn.ambient_pressure_gt    ? 
_diffrn.ambient_pressure_lt    ? 
_diffrn.ambient_temp_gt        ? 
_diffrn.ambient_temp_lt        ? 
# 
_diffrn_detector.details                      ? 
_diffrn_detector.detector                     CCD 
_diffrn_detector.diffrn_id                    1 
_diffrn_detector.type                         'ADSC QUANTUM 315' 
_diffrn_detector.area_resol_mean              ? 
_diffrn_detector.dtime                        ? 
_diffrn_detector.pdbx_frames_total            ? 
_diffrn_detector.pdbx_collection_time_total   ? 
_diffrn_detector.pdbx_collection_date         2014-04-25 
# 
_diffrn_radiation.collimation                      ? 
_diffrn_radiation.diffrn_id                        1 
_diffrn_radiation.filter_edge                      ? 
_diffrn_radiation.inhomogeneity                    ? 
_diffrn_radiation.monochromator                    ? 
_diffrn_radiation.polarisn_norm                    ? 
_diffrn_radiation.polarisn_ratio                   ? 
_diffrn_radiation.probe                            ? 
_diffrn_radiation.type                             ? 
_diffrn_radiation.xray_symbol                      ? 
_diffrn_radiation.wavelength_id                    1 
_diffrn_radiation.pdbx_monochromatic_or_laue_m_l   M 
_diffrn_radiation.pdbx_wavelength_list             ? 
_diffrn_radiation.pdbx_wavelength                  ? 
_diffrn_radiation.pdbx_diffrn_protocol             'SINGLE WAVELENGTH' 
_diffrn_radiation.pdbx_analyzer                    ? 
_diffrn_radiation.pdbx_scattering_type             x-ray 
# 
_diffrn_radiation_wavelength.id           1 
_diffrn_radiation_wavelength.wavelength   0.979 
_diffrn_radiation_wavelength.wt           1.0 
# 
_diffrn_source.current                     ? 
_diffrn_source.details                     ? 
_diffrn_source.diffrn_id                   1 
_diffrn_source.power                       ? 
_diffrn_source.size                        ? 
_diffrn_source.source                      SYNCHROTRON 
_diffrn_source.target                      ? 
_diffrn_source.type                        'APS BEAMLINE 24-ID-E' 
_diffrn_source.voltage                     ? 
_diffrn_source.take-off_angle              ? 
_diffrn_source.pdbx_wavelength_list        0.979 
_diffrn_source.pdbx_wavelength             ? 
_diffrn_source.pdbx_synchrotron_beamline   24-ID-E 
_diffrn_source.pdbx_synchrotron_site       APS 
# 
_reflns.B_iso_Wilson_estimate            ? 
_reflns.entry_id                         5E61 
_reflns.data_reduction_details           ? 
_reflns.data_reduction_method            ? 
_reflns.d_resolution_high                1.79 
_reflns.d_resolution_low                 4.38 
_reflns.details                          ? 
_reflns.limit_h_max                      ? 
_reflns.limit_h_min                      ? 
_reflns.limit_k_max                      ? 
_reflns.limit_k_min                      ? 
_reflns.limit_l_max                      ? 
_reflns.limit_l_min                      ? 
_reflns.number_all                       ? 
_reflns.number_obs                       647 
_reflns.observed_criterion               ? 
_reflns.observed_criterion_F_max         ? 
_reflns.observed_criterion_F_min         ? 
_reflns.observed_criterion_I_max         ? 
_reflns.observed_criterion_I_min         ? 
_reflns.observed_criterion_sigma_F       ? 
_reflns.observed_criterion_sigma_I       ? 
_reflns.percent_possible_obs             93.36 
_reflns.R_free_details                   ? 
_reflns.Rmerge_F_all                     ? 
_reflns.Rmerge_F_obs                     ? 
_reflns.Friedel_coverage                 ? 
_reflns.number_gt                        ? 
_reflns.threshold_expression             ? 
_reflns.pdbx_redundancy                  5.217 
_reflns.pdbx_Rmerge_I_obs                0.241 
_reflns.pdbx_Rmerge_I_all                ? 
_reflns.pdbx_Rsym_value                  ? 
_reflns.pdbx_netI_over_av_sigmaI         ? 
_reflns.pdbx_netI_over_sigmaI            4.29 
_reflns.pdbx_res_netI_over_av_sigmaI_2   ? 
_reflns.pdbx_res_netI_over_sigmaI_2      ? 
_reflns.pdbx_chi_squared                 ? 
_reflns.pdbx_scaling_rejects             ? 
_reflns.pdbx_d_res_high_opt              ? 
_reflns.pdbx_d_res_low_opt               ? 
_reflns.pdbx_d_res_opt_method            ? 
_reflns.phase_calculation_details        ? 
_reflns.pdbx_Rrim_I_all                  ? 
_reflns.pdbx_Rpim_I_all                  ? 
_reflns.pdbx_d_opt                       ? 
_reflns.pdbx_number_measured_all         ? 
_reflns.pdbx_diffrn_id                   1 
_reflns.pdbx_ordinal                     1 
_reflns.pdbx_CC_half                     ? 
_reflns.pdbx_R_split                     ? 
# 
_reflns_shell.Rmerge_F_all                ? 
_reflns_shell.Rmerge_F_gt                 ? 
_reflns_shell.Rmerge_F_obs                ? 
_reflns_shell.Rmerge_I_all                ? 
_reflns_shell.Rmerge_I_gt                 ? 
_reflns_shell.Rmerge_I_obs                0.696 
_reflns_shell.d_res_high                  1.79 
_reflns_shell.d_res_low                   1.96 
_reflns_shell.meanI_over_sigI_all         ? 
_reflns_shell.meanI_over_sigI_gt          ? 
_reflns_shell.meanI_over_sigI_obs         1.40 
_reflns_shell.meanI_over_uI_all           ? 
_reflns_shell.meanI_over_uI_gt            ? 
_reflns_shell.number_measured_all         ? 
_reflns_shell.number_measured_gt          ? 
_reflns_shell.number_measured_obs         ? 
_reflns_shell.number_possible             ? 
_reflns_shell.number_unique_all           ? 
_reflns_shell.number_unique_gt            ? 
_reflns_shell.number_unique_obs           ? 
_reflns_shell.pdbx_CC_half                ? 
_reflns_shell.pdbx_R_split                ? 
_reflns_shell.pdbx_Rpim_I_all             ? 
_reflns_shell.pdbx_Rrim_I_all             ? 
_reflns_shell.pdbx_Rsym_value             ? 
_reflns_shell.pdbx_chi_squared            ? 
_reflns_shell.pdbx_diffrn_id              1 
_reflns_shell.pdbx_netI_over_sigmaI_all   ? 
_reflns_shell.pdbx_netI_over_sigmaI_obs   ? 
_reflns_shell.pdbx_ordinal                1 
_reflns_shell.pdbx_redundancy             ? 
_reflns_shell.pdbx_rejects                ? 
_reflns_shell.percent_possible_all        72.3 
_reflns_shell.percent_possible_gt         ? 
_reflns_shell.percent_possible_obs        ? 
# 
_refine.aniso_B[1][1]                            -0.07 
_refine.aniso_B[1][2]                            -0.39 
_refine.aniso_B[1][3]                            0.41 
_refine.aniso_B[2][2]                            -0.60 
_refine.aniso_B[2][3]                            -0.00 
_refine.aniso_B[3][3]                            0.71 
_refine.B_iso_max                                ? 
_refine.B_iso_mean                               21.919 
_refine.B_iso_min                                ? 
_refine.correlation_coeff_Fo_to_Fc               0.974 
_refine.correlation_coeff_Fo_to_Fc_free          0.952 
_refine.details                                  'HYDROGENS HAVE BEEN ADDED IN THE RIDING POSITIONS' 
_refine.diff_density_max                         ? 
_refine.diff_density_max_esd                     ? 
_refine.diff_density_min                         ? 
_refine.diff_density_min_esd                     ? 
_refine.diff_density_rms                         ? 
_refine.diff_density_rms_esd                     ? 
_refine.entry_id                                 5E61 
_refine.pdbx_refine_id                           'X-RAY DIFFRACTION' 
_refine.ls_abs_structure_details                 ? 
_refine.ls_abs_structure_Flack                   ? 
_refine.ls_abs_structure_Flack_esd               ? 
_refine.ls_abs_structure_Rogers                  ? 
_refine.ls_abs_structure_Rogers_esd              ? 
_refine.ls_d_res_high                            1.79 
_refine.ls_d_res_low                             4.38 
_refine.ls_extinction_coef                       ? 
_refine.ls_extinction_coef_esd                   ? 
_refine.ls_extinction_expression                 ? 
_refine.ls_extinction_method                     ? 
_refine.ls_goodness_of_fit_all                   ? 
_refine.ls_goodness_of_fit_all_esd               ? 
_refine.ls_goodness_of_fit_obs                   ? 
_refine.ls_goodness_of_fit_obs_esd               ? 
_refine.ls_hydrogen_treatment                    ? 
_refine.ls_matrix_type                           ? 
_refine.ls_number_constraints                    ? 
_refine.ls_number_parameters                     ? 
_refine.ls_number_reflns_all                     ? 
_refine.ls_number_reflns_obs                     582 
_refine.ls_number_reflns_R_free                  65 
_refine.ls_number_reflns_R_work                  ? 
_refine.ls_number_restraints                     ? 
_refine.ls_percent_reflns_obs                    93.36 
_refine.ls_percent_reflns_R_free                 10.0 
_refine.ls_R_factor_all                          ? 
_refine.ls_R_factor_obs                          0.17221 
_refine.ls_R_factor_R_free                       0.21833 
_refine.ls_R_factor_R_free_error                 ? 
_refine.ls_R_factor_R_free_error_details         ? 
_refine.ls_R_factor_R_work                       0.16661 
_refine.ls_R_Fsqd_factor_obs                     ? 
_refine.ls_R_I_factor_obs                        ? 
_refine.ls_redundancy_reflns_all                 ? 
_refine.ls_redundancy_reflns_obs                 ? 
_refine.ls_restrained_S_all                      ? 
_refine.ls_restrained_S_obs                      ? 
_refine.ls_shift_over_esd_max                    ? 
_refine.ls_shift_over_esd_mean                   ? 
_refine.ls_structure_factor_coef                 ? 
_refine.ls_weighting_details                     ? 
_refine.ls_weighting_scheme                      ? 
_refine.ls_wR_factor_all                         ? 
_refine.ls_wR_factor_obs                         ? 
_refine.ls_wR_factor_R_free                      ? 
_refine.ls_wR_factor_R_work                      ? 
_refine.occupancy_max                            ? 
_refine.occupancy_min                            ? 
_refine.solvent_model_details                    MASK 
_refine.solvent_model_param_bsol                 ? 
_refine.solvent_model_param_ksol                 ? 
_refine.ls_R_factor_gt                           ? 
_refine.ls_goodness_of_fit_gt                    ? 
_refine.ls_goodness_of_fit_ref                   ? 
_refine.ls_shift_over_su_max                     ? 
_refine.ls_shift_over_su_max_lt                  ? 
_refine.ls_shift_over_su_mean                    ? 
_refine.ls_shift_over_su_mean_lt                 ? 
_refine.pdbx_ls_sigma_I                          ? 
_refine.pdbx_ls_sigma_F                          ? 
_refine.pdbx_ls_sigma_Fsqd                       ? 
_refine.pdbx_data_cutoff_high_absF               ? 
_refine.pdbx_data_cutoff_high_rms_absF           ? 
_refine.pdbx_data_cutoff_low_absF                ? 
_refine.pdbx_isotropic_thermal_model             ? 
_refine.pdbx_ls_cross_valid_method               THROUGHOUT 
_refine.pdbx_method_to_determine_struct          'MOLECULAR REPLACEMENT' 
_refine.pdbx_starting_model                      ? 
_refine.pdbx_stereochemistry_target_values       'MAXIMUM LIKELIHOOD' 
_refine.pdbx_R_Free_selection_details            RANDOM 
_refine.pdbx_stereochem_target_val_spec_case     ? 
_refine.pdbx_overall_ESU_R                       0.227 
_refine.pdbx_overall_ESU_R_Free                  0.170 
_refine.pdbx_solvent_vdw_probe_radii             1.20 
_refine.pdbx_solvent_ion_probe_radii             0.80 
_refine.pdbx_solvent_shrinkage_radii             0.80 
_refine.pdbx_real_space_R                        ? 
_refine.pdbx_density_correlation                 ? 
_refine.pdbx_pd_number_of_powder_patterns        ? 
_refine.pdbx_pd_number_of_points                 ? 
_refine.pdbx_pd_meas_number_of_points            ? 
_refine.pdbx_pd_proc_ls_prof_R_factor            ? 
_refine.pdbx_pd_proc_ls_prof_wR_factor           ? 
_refine.pdbx_pd_Marquardt_correlation_coeff      ? 
_refine.pdbx_pd_Fsqrd_R_factor                   ? 
_refine.pdbx_pd_ls_matrix_band_width             ? 
_refine.pdbx_overall_phase_error                 ? 
_refine.pdbx_overall_SU_R_free_Cruickshank_DPI   ? 
_refine.pdbx_overall_SU_R_free_Blow_DPI          ? 
_refine.pdbx_overall_SU_R_Blow_DPI               ? 
_refine.pdbx_TLS_residual_ADP_flag               ? 
_refine.pdbx_diffrn_id                           1 
_refine.overall_SU_B                             5.800 
_refine.overall_SU_ML                            0.158 
_refine.overall_SU_R_Cruickshank_DPI             ? 
_refine.overall_SU_R_free                        ? 
_refine.overall_FOM_free_R_set                   ? 
_refine.overall_FOM_work_R_set                   ? 
_refine.pdbx_average_fsc_overall                 ? 
_refine.pdbx_average_fsc_work                    ? 
_refine.pdbx_average_fsc_free                    ? 
# 
_refine_hist.pdbx_refine_id                   'X-RAY DIFFRACTION' 
_refine_hist.cycle_id                         1 
_refine_hist.pdbx_number_atoms_protein        98 
_refine_hist.pdbx_number_atoms_nucleic_acid   0 
_refine_hist.pdbx_number_atoms_ligand         0 
_refine_hist.number_atoms_solvent             0 
_refine_hist.number_atoms_total               98 
_refine_hist.d_res_high                       1.79 
_refine_hist.d_res_low                        4.38 
# 
loop_
_refine_ls_restr.pdbx_refine_id 
_refine_ls_restr.criterion 
_refine_ls_restr.dev_ideal 
_refine_ls_restr.dev_ideal_target 
_refine_ls_restr.number 
_refine_ls_restr.rejects 
_refine_ls_restr.type 
_refine_ls_restr.weight 
_refine_ls_restr.pdbx_restraint_function 
'X-RAY DIFFRACTION' ? 0.016  0.020  98  ? r_bond_refined_d             ? ? 
'X-RAY DIFFRACTION' ? 0.001  0.020  97  ? r_bond_other_d               ? ? 
'X-RAY DIFFRACTION' ? 2.000  2.022  130 ? r_angle_refined_deg          ? ? 
'X-RAY DIFFRACTION' ? 0.764  3.000  221 ? r_angle_other_deg            ? ? 
'X-RAY DIFFRACTION' ? 7.168  5.000  12  ? r_dihedral_angle_1_deg       ? ? 
'X-RAY DIFFRACTION' ? 6.404  20.000 2   ? r_dihedral_angle_2_deg       ? ? 
'X-RAY DIFFRACTION' ? 10.485 15.000 14  ? r_dihedral_angle_3_deg       ? ? 
'X-RAY DIFFRACTION' ? ?      ?      ?   ? r_dihedral_angle_4_deg       ? ? 
'X-RAY DIFFRACTION' ? 0.095  0.200  16  ? r_chiral_restr               ? ? 
'X-RAY DIFFRACTION' ? 0.007  0.020  106 ? r_gen_planes_refined         ? ? 
'X-RAY DIFFRACTION' ? 0.001  0.020  22  ? r_gen_planes_other           ? ? 
'X-RAY DIFFRACTION' ? ?      ?      ?   ? r_nbd_refined                ? ? 
'X-RAY DIFFRACTION' ? ?      ?      ?   ? r_nbd_other                  ? ? 
'X-RAY DIFFRACTION' ? ?      ?      ?   ? r_nbtor_refined              ? ? 
'X-RAY DIFFRACTION' ? ?      ?      ?   ? r_nbtor_other                ? ? 
'X-RAY DIFFRACTION' ? ?      ?      ?   ? r_xyhbond_nbd_refined        ? ? 
'X-RAY DIFFRACTION' ? ?      ?      ?   ? r_xyhbond_nbd_other          ? ? 
'X-RAY DIFFRACTION' ? ?      ?      ?   ? r_metal_ion_refined          ? ? 
'X-RAY DIFFRACTION' ? ?      ?      ?   ? r_metal_ion_other            ? ? 
'X-RAY DIFFRACTION' ? ?      ?      ?   ? r_symmetry_vdw_refined       ? ? 
'X-RAY DIFFRACTION' ? ?      ?      ?   ? r_symmetry_vdw_other         ? ? 
'X-RAY DIFFRACTION' ? ?      ?      ?   ? r_symmetry_hbond_refined     ? ? 
'X-RAY DIFFRACTION' ? ?      ?      ?   ? r_symmetry_hbond_other       ? ? 
'X-RAY DIFFRACTION' ? ?      ?      ?   ? r_symmetry_metal_ion_refined ? ? 
'X-RAY DIFFRACTION' ? ?      ?      ?   ? r_symmetry_metal_ion_other   ? ? 
'X-RAY DIFFRACTION' ? 5.487  1.958  54  ? r_mcbond_it                  ? ? 
'X-RAY DIFFRACTION' ? 3.897  1.847  53  ? r_mcbond_other               ? ? 
'X-RAY DIFFRACTION' ? 8.268  2.756  64  ? r_mcangle_it                 ? ? 
'X-RAY DIFFRACTION' ? 8.445  2.831  65  ? r_mcangle_other              ? ? 
'X-RAY DIFFRACTION' ? 4.911  2.678  44  ? r_scbond_it                  ? ? 
'X-RAY DIFFRACTION' ? 4.305  2.579  43  ? r_scbond_other               ? ? 
'X-RAY DIFFRACTION' ? ?      ?      ?   ? r_scangle_it                 ? ? 
'X-RAY DIFFRACTION' ? 8.083  3.818  66  ? r_scangle_other              ? ? 
'X-RAY DIFFRACTION' ? 11.700 17.894 91  ? r_long_range_B_refined       ? ? 
'X-RAY DIFFRACTION' ? 11.977 18.339 92  ? r_long_range_B_other         ? ? 
'X-RAY DIFFRACTION' ? ?      ?      ?   ? r_rigid_bond_restr           ? ? 
'X-RAY DIFFRACTION' ? ?      ?      ?   ? r_sphericity_free            ? ? 
'X-RAY DIFFRACTION' ? ?      ?      ?   ? r_sphericity_bonded          ? ? 
# 
_refine_ls_shell.pdbx_refine_id                   'X-RAY DIFFRACTION' 
_refine_ls_shell.d_res_high                       1.788 
_refine_ls_shell.d_res_low                        1.835 
_refine_ls_shell.number_reflns_all                ? 
_refine_ls_shell.number_reflns_obs                ? 
_refine_ls_shell.number_reflns_R_free             2 
_refine_ls_shell.number_reflns_R_work             22 
_refine_ls_shell.percent_reflns_obs               52.17 
_refine_ls_shell.percent_reflns_R_free            ? 
_refine_ls_shell.R_factor_all                     ? 
_refine_ls_shell.R_factor_obs                     ? 
_refine_ls_shell.R_factor_R_free                  0.507 
_refine_ls_shell.R_factor_R_free_error            ? 
_refine_ls_shell.R_factor_R_work                  0.331 
_refine_ls_shell.redundancy_reflns_all            ? 
_refine_ls_shell.redundancy_reflns_obs            ? 
_refine_ls_shell.wR_factor_all                    ? 
_refine_ls_shell.wR_factor_obs                    ? 
_refine_ls_shell.wR_factor_R_free                 ? 
_refine_ls_shell.wR_factor_R_work                 ? 
_refine_ls_shell.pdbx_total_number_of_bins_used   20 
_refine_ls_shell.pdbx_phase_error                 ? 
_refine_ls_shell.pdbx_fsc_work                    ? 
_refine_ls_shell.pdbx_fsc_free                    ? 
# 
_struct.entry_id                     5E61 
_struct.title                        'Structure of amyloid-forming peptide FGAILSS (residues 23-29) from islet amyloid polypeptide' 
_struct.pdbx_model_details           ? 
_struct.pdbx_formula_weight          ? 
_struct.pdbx_formula_weight_method   ? 
_struct.pdbx_model_type_details      ? 
_struct.pdbx_CASP_flag               ? 
# 
_struct_keywords.entry_id        5E61 
_struct_keywords.text            'amyloid-like protofibril, Protein Fibril, de novo protein, membrane protein' 
_struct_keywords.pdbx_keywords   'de novo protein, membrane protein' 
# 
loop_
_struct_asym.id 
_struct_asym.pdbx_blank_PDB_chainid_flag 
_struct_asym.pdbx_modified 
_struct_asym.entity_id 
_struct_asym.details 
A N N 1 ? 
B N N 1 ? 
# 
_struct_ref.id                         1 
_struct_ref.db_name                    PDB 
_struct_ref.db_code                    5E61 
_struct_ref.pdbx_db_accession          5E61 
_struct_ref.pdbx_db_isoform            ? 
_struct_ref.entity_id                  1 
_struct_ref.pdbx_seq_one_letter_code   ? 
_struct_ref.pdbx_align_begin           1 
# 
loop_
_struct_ref_seq.align_id 
_struct_ref_seq.ref_id 
_struct_ref_seq.pdbx_PDB_id_code 
_struct_ref_seq.pdbx_strand_id 
_struct_ref_seq.seq_align_beg 
_struct_ref_seq.pdbx_seq_align_beg_ins_code 
_struct_ref_seq.seq_align_end 
_struct_ref_seq.pdbx_seq_align_end_ins_code 
_struct_ref_seq.pdbx_db_accession 
_struct_ref_seq.db_align_beg 
_struct_ref_seq.pdbx_db_align_beg_ins_code 
_struct_ref_seq.db_align_end 
_struct_ref_seq.pdbx_db_align_end_ins_code 
_struct_ref_seq.pdbx_auth_seq_align_beg 
_struct_ref_seq.pdbx_auth_seq_align_end 
1 1 5E61 A 1 ? 7 ? 5E61 1 ? 7 ? 1 7 
2 1 5E61 B 1 ? 7 ? 5E61 1 ? 7 ? 1 7 
# 
_pdbx_struct_assembly.id                   1 
_pdbx_struct_assembly.details              author_defined_assembly 
_pdbx_struct_assembly.method_details       ? 
_pdbx_struct_assembly.oligomeric_details   undecameric 
_pdbx_struct_assembly.oligomeric_count     11 
# 
loop_
_pdbx_struct_assembly_gen.assembly_id 
_pdbx_struct_assembly_gen.oper_expression 
_pdbx_struct_assembly_gen.asym_id_list 
1 1,2,3,4,5   A 
1 1,2,3,4,5,6 B 
# 
loop_
_pdbx_struct_oper_list.id 
_pdbx_struct_oper_list.type 
_pdbx_struct_oper_list.name 
_pdbx_struct_oper_list.symmetry_operation 
_pdbx_struct_oper_list.matrix[1][1] 
_pdbx_struct_oper_list.matrix[1][2] 
_pdbx_struct_oper_list.matrix[1][3] 
_pdbx_struct_oper_list.vector[1] 
_pdbx_struct_oper_list.matrix[2][1] 
_pdbx_struct_oper_list.matrix[2][2] 
_pdbx_struct_oper_list.matrix[2][3] 
_pdbx_struct_oper_list.vector[2] 
_pdbx_struct_oper_list.matrix[3][1] 
_pdbx_struct_oper_list.matrix[3][2] 
_pdbx_struct_oper_list.matrix[3][3] 
_pdbx_struct_oper_list.vector[3] 
1 'identity operation'         1_555 x,y,z     1.0000000000 0.0000000000 0.0000000000 0.0000000000   0.0000000000 1.0000000000 0.0000000000 0.0000000000  0.0000000000 0.0000000000 1.0000000000 0.0000000000  
2 'crystal symmetry operation' 1_545 x,y-1,z   1.0000000000 0.0000000000 0.0000000000 8.3375759459   0.0000000000 1.0000000000 0.0000000000 -3.3218351690 0.0000000000 0.0000000000 1.0000000000 3.1145205823  
3 'crystal symmetry operation' 1_565 x,y+1,z   1.0000000000 0.0000000000 0.0000000000 -8.3375759459  0.0000000000 1.0000000000 0.0000000000 3.3218351690  0.0000000000 0.0000000000 1.0000000000 -3.1145205823 
4 'crystal symmetry operation' 1_655 x+1,y,z   1.0000000000 0.0000000000 0.0000000000 -5.5470623147  0.0000000000 1.0000000000 0.0000000000 -6.6734569030 0.0000000000 0.0000000000 1.0000000000 -1.2680586109 
5 'crystal symmetry operation' 1_645 x+1,y-1,z 1.0000000000 0.0000000000 0.0000000000 2.7905136312   0.0000000000 1.0000000000 0.0000000000 -9.9952920720 0.0000000000 0.0000000000 1.0000000000 1.8464619714  
6 'crystal symmetry operation' 1_665 x+1,y+1,z 1.0000000000 0.0000000000 0.0000000000 -13.8846382606 0.0000000000 1.0000000000 0.0000000000 -3.3516217340 0.0000000000 0.0000000000 1.0000000000 -4.3825791932 
# 
_struct_sheet.id               AA1 
_struct_sheet.type             ? 
_struct_sheet.number_strands   2 
_struct_sheet.details          ? 
# 
_struct_sheet_order.sheet_id     AA1 
_struct_sheet_order.range_id_1   1 
_struct_sheet_order.range_id_2   2 
_struct_sheet_order.offset       ? 
_struct_sheet_order.sense        anti-parallel 
# 
loop_
_struct_sheet_range.sheet_id 
_struct_sheet_range.id 
_struct_sheet_range.beg_label_comp_id 
_struct_sheet_range.beg_label_asym_id 
_struct_sheet_range.beg_label_seq_id 
_struct_sheet_range.pdbx_beg_PDB_ins_code 
_struct_sheet_range.end_label_comp_id 
_struct_sheet_range.end_label_asym_id 
_struct_sheet_range.end_label_seq_id 
_struct_sheet_range.pdbx_end_PDB_ins_code 
_struct_sheet_range.beg_auth_comp_id 
_struct_sheet_range.beg_auth_asym_id 
_struct_sheet_range.beg_auth_seq_id 
_struct_sheet_range.end_auth_comp_id 
_struct_sheet_range.end_auth_asym_id 
_struct_sheet_range.end_auth_seq_id 
AA1 1 GLY A 2 ? SER A 6 ? GLY A 2 SER A 6 
AA1 2 GLY B 2 ? SER B 6 ? GLY B 2 SER B 6 
# 
_pdbx_struct_sheet_hbond.sheet_id                AA1 
_pdbx_struct_sheet_hbond.range_id_1              1 
_pdbx_struct_sheet_hbond.range_id_2              2 
_pdbx_struct_sheet_hbond.range_1_label_atom_id   N 
_pdbx_struct_sheet_hbond.range_1_label_comp_id   GLY 
_pdbx_struct_sheet_hbond.range_1_label_asym_id   A 
_pdbx_struct_sheet_hbond.range_1_label_seq_id    2 
_pdbx_struct_sheet_hbond.range_1_PDB_ins_code    ? 
_pdbx_struct_sheet_hbond.range_1_auth_atom_id    N 
_pdbx_struct_sheet_hbond.range_1_auth_comp_id    GLY 
_pdbx_struct_sheet_hbond.range_1_auth_asym_id    A 
_pdbx_struct_sheet_hbond.range_1_auth_seq_id     2 
_pdbx_struct_sheet_hbond.range_2_label_atom_id   O 
_pdbx_struct_sheet_hbond.range_2_label_comp_id   SER 
_pdbx_struct_sheet_hbond.range_2_label_asym_id   B 
_pdbx_struct_sheet_hbond.range_2_label_seq_id    6 
_pdbx_struct_sheet_hbond.range_2_PDB_ins_code    ? 
_pdbx_struct_sheet_hbond.range_2_auth_atom_id    O 
_pdbx_struct_sheet_hbond.range_2_auth_comp_id    SER 
_pdbx_struct_sheet_hbond.range_2_auth_asym_id    B 
_pdbx_struct_sheet_hbond.range_2_auth_seq_id     6 
# 
loop_
_chem_comp_atom.comp_id 
_chem_comp_atom.atom_id 
_chem_comp_atom.type_symbol 
_chem_comp_atom.pdbx_aromatic_flag 
_chem_comp_atom.pdbx_stereo_config 
_chem_comp_atom.pdbx_ordinal 
ALA N    N N N 1   
ALA CA   C N S 2   
ALA C    C N N 3   
ALA O    O N N 4   
ALA CB   C N N 5   
ALA OXT  O N N 6   
ALA H    H N N 7   
ALA H2   H N N 8   
ALA HA   H N N 9   
ALA HB1  H N N 10  
ALA HB2  H N N 11  
ALA HB3  H N N 12  
ALA HXT  H N N 13  
GLY N    N N N 14  
GLY CA   C N N 15  
GLY C    C N N 16  
GLY O    O N N 17  
GLY OXT  O N N 18  
GLY H    H N N 19  
GLY H2   H N N 20  
GLY HA2  H N N 21  
GLY HA3  H N N 22  
GLY HXT  H N N 23  
ILE N    N N N 24  
ILE CA   C N S 25  
ILE C    C N N 26  
ILE O    O N N 27  
ILE CB   C N S 28  
ILE CG1  C N N 29  
ILE CG2  C N N 30  
ILE CD1  C N N 31  
ILE OXT  O N N 32  
ILE H    H N N 33  
ILE H2   H N N 34  
ILE HA   H N N 35  
ILE HB   H N N 36  
ILE HG12 H N N 37  
ILE HG13 H N N 38  
ILE HG21 H N N 39  
ILE HG22 H N N 40  
ILE HG23 H N N 41  
ILE HD11 H N N 42  
ILE HD12 H N N 43  
ILE HD13 H N N 44  
ILE HXT  H N N 45  
LEU N    N N N 46  
LEU CA   C N S 47  
LEU C    C N N 48  
LEU O    O N N 49  
LEU CB   C N N 50  
LEU CG   C N N 51  
LEU CD1  C N N 52  
LEU CD2  C N N 53  
LEU OXT  O N N 54  
LEU H    H N N 55  
LEU H2   H N N 56  
LEU HA   H N N 57  
LEU HB2  H N N 58  
LEU HB3  H N N 59  
LEU HG   H N N 60  
LEU HD11 H N N 61  
LEU HD12 H N N 62  
LEU HD13 H N N 63  
LEU HD21 H N N 64  
LEU HD22 H N N 65  
LEU HD23 H N N 66  
LEU HXT  H N N 67  
PHE N    N N N 68  
PHE CA   C N S 69  
PHE C    C N N 70  
PHE O    O N N 71  
PHE CB   C N N 72  
PHE CG   C Y N 73  
PHE CD1  C Y N 74  
PHE CD2  C Y N 75  
PHE CE1  C Y N 76  
PHE CE2  C Y N 77  
PHE CZ   C Y N 78  
PHE OXT  O N N 79  
PHE H    H N N 80  
PHE H2   H N N 81  
PHE HA   H N N 82  
PHE HB2  H N N 83  
PHE HB3  H N N 84  
PHE HD1  H N N 85  
PHE HD2  H N N 86  
PHE HE1  H N N 87  
PHE HE2  H N N 88  
PHE HZ   H N N 89  
PHE HXT  H N N 90  
SER N    N N N 91  
SER CA   C N S 92  
SER C    C N N 93  
SER O    O N N 94  
SER CB   C N N 95  
SER OG   O N N 96  
SER OXT  O N N 97  
SER H    H N N 98  
SER H2   H N N 99  
SER HA   H N N 100 
SER HB2  H N N 101 
SER HB3  H N N 102 
SER HG   H N N 103 
SER HXT  H N N 104 
# 
loop_
_chem_comp_bond.comp_id 
_chem_comp_bond.atom_id_1 
_chem_comp_bond.atom_id_2 
_chem_comp_bond.value_order 
_chem_comp_bond.pdbx_aromatic_flag 
_chem_comp_bond.pdbx_stereo_config 
_chem_comp_bond.pdbx_ordinal 
ALA N   CA   sing N N 1  
ALA N   H    sing N N 2  
ALA N   H2   sing N N 3  
ALA CA  C    sing N N 4  
ALA CA  CB   sing N N 5  
ALA CA  HA   sing N N 6  
ALA C   O    doub N N 7  
ALA C   OXT  sing N N 8  
ALA CB  HB1  sing N N 9  
ALA CB  HB2  sing N N 10 
ALA CB  HB3  sing N N 11 
ALA OXT HXT  sing N N 12 
GLY N   CA   sing N N 13 
GLY N   H    sing N N 14 
GLY N   H2   sing N N 15 
GLY CA  C    sing N N 16 
GLY CA  HA2  sing N N 17 
GLY CA  HA3  sing N N 18 
GLY C   O    doub N N 19 
GLY C   OXT  sing N N 20 
GLY OXT HXT  sing N N 21 
ILE N   CA   sing N N 22 
ILE N   H    sing N N 23 
ILE N   H2   sing N N 24 
ILE CA  C    sing N N 25 
ILE CA  CB   sing N N 26 
ILE CA  HA   sing N N 27 
ILE C   O    doub N N 28 
ILE C   OXT  sing N N 29 
ILE CB  CG1  sing N N 30 
ILE CB  CG2  sing N N 31 
ILE CB  HB   sing N N 32 
ILE CG1 CD1  sing N N 33 
ILE CG1 HG12 sing N N 34 
ILE CG1 HG13 sing N N 35 
ILE CG2 HG21 sing N N 36 
ILE CG2 HG22 sing N N 37 
ILE CG2 HG23 sing N N 38 
ILE CD1 HD11 sing N N 39 
ILE CD1 HD12 sing N N 40 
ILE CD1 HD13 sing N N 41 
ILE OXT HXT  sing N N 42 
LEU N   CA   sing N N 43 
LEU N   H    sing N N 44 
LEU N   H2   sing N N 45 
LEU CA  C    sing N N 46 
LEU CA  CB   sing N N 47 
LEU CA  HA   sing N N 48 
LEU C   O    doub N N 49 
LEU C   OXT  sing N N 50 
LEU CB  CG   sing N N 51 
LEU CB  HB2  sing N N 52 
LEU CB  HB3  sing N N 53 
LEU CG  CD1  sing N N 54 
LEU CG  CD2  sing N N 55 
LEU CG  HG   sing N N 56 
LEU CD1 HD11 sing N N 57 
LEU CD1 HD12 sing N N 58 
LEU CD1 HD13 sing N N 59 
LEU CD2 HD21 sing N N 60 
LEU CD2 HD22 sing N N 61 
LEU CD2 HD23 sing N N 62 
LEU OXT HXT  sing N N 63 
PHE N   CA   sing N N 64 
PHE N   H    sing N N 65 
PHE N   H2   sing N N 66 
PHE CA  C    sing N N 67 
PHE CA  CB   sing N N 68 
PHE CA  HA   sing N N 69 
PHE C   O    doub N N 70 
PHE C   OXT  sing N N 71 
PHE CB  CG   sing N N 72 
PHE CB  HB2  sing N N 73 
PHE CB  HB3  sing N N 74 
PHE CG  CD1  doub Y N 75 
PHE CG  CD2  sing Y N 76 
PHE CD1 CE1  sing Y N 77 
PHE CD1 HD1  sing N N 78 
PHE CD2 CE2  doub Y N 79 
PHE CD2 HD2  sing N N 80 
PHE CE1 CZ   doub Y N 81 
PHE CE1 HE1  sing N N 82 
PHE CE2 CZ   sing Y N 83 
PHE CE2 HE2  sing N N 84 
PHE CZ  HZ   sing N N 85 
PHE OXT HXT  sing N N 86 
SER N   CA   sing N N 87 
SER N   H    sing N N 88 
SER N   H2   sing N N 89 
SER CA  C    sing N N 90 
SER CA  CB   sing N N 91 
SER CA  HA   sing N N 92 
SER C   O    doub N N 93 
SER C   OXT  sing N N 94 
SER CB  OG   sing N N 95 
SER CB  HB2  sing N N 96 
SER CB  HB3  sing N N 97 
SER OG  HG   sing N N 98 
SER OXT HXT  sing N N 99 
# 
_atom_sites.entry_id                    5E61 
_atom_sites.fract_transf_matrix[1][1]   -0.05015877 
_atom_sites.fract_transf_matrix[1][2]   -0.11114001 
_atom_sites.fract_transf_matrix[1][3]   0.01571112 
_atom_sites.fract_transf_matrix[2][1]   -0.07786275 
_atom_sites.fract_transf_matrix[2][2]   0.07160912 
_atom_sites.fract_transf_matrix[2][3]   -0.03625296 
_atom_sites.fract_transf_matrix[3][1]   0.01308241 
_atom_sites.fract_transf_matrix[3][2]   -0.00350857 
_atom_sites.fract_transf_matrix[3][3]   -0.03876375 
_atom_sites.fract_transf_vector[1]      0.006480 
_atom_sites.fract_transf_vector[2]      -0.100143 
_atom_sites.fract_transf_vector[3]      -0.065699 
# 
loop_
_atom_type.symbol 
C 
N 
O 
# 
loop_
_atom_site.group_PDB 
_atom_site.id 
_atom_site.type_symbol 
_atom_site.label_atom_id 
_atom_site.label_alt_id 
_atom_site.label_comp_id 
_atom_site.label_asym_id 
_atom_site.label_entity_id 
_atom_site.label_seq_id 
_atom_site.pdbx_PDB_ins_code 
_atom_site.Cartn_x 
_atom_site.Cartn_y 
_atom_site.Cartn_z 
_atom_site.occupancy 
_atom_site.B_iso_or_equiv 
_atom_site.pdbx_formal_charge 
_atom_site.auth_seq_id 
_atom_site.auth_comp_id 
_atom_site.auth_asym_id 
_atom_site.auth_atom_id 
_atom_site.pdbx_PDB_model_num 
ATOM 1  N N   . PHE A 1 1 ? 1.626  0.958  -11.197 1.00 26.36 ? 1 PHE A N   1 
ATOM 2  C CA  . PHE A 1 1 ? 1.665  1.379  -9.787  1.00 20.01 ? 1 PHE A CA  1 
ATOM 3  C C   . PHE A 1 1 ? 0.492  0.748  -9.050  1.00 22.56 ? 1 PHE A C   1 
ATOM 4  O O   . PHE A 1 1 ? -0.660 0.776  -9.501  1.00 22.29 ? 1 PHE A O   1 
ATOM 5  C CB  . PHE A 1 1 ? 1.629  2.897  -9.675  1.00 21.56 ? 1 PHE A CB  1 
ATOM 6  C CG  . PHE A 1 1 ? 1.381  3.407  -8.279  1.00 22.33 ? 1 PHE A CG  1 
ATOM 7  C CD1 . PHE A 1 1 ? 0.097  3.460  -7.759  1.00 23.20 ? 1 PHE A CD1 1 
ATOM 8  C CD2 . PHE A 1 1 ? 2.427  3.797  -7.482  1.00 23.86 ? 1 PHE A CD2 1 
ATOM 9  C CE1 . PHE A 1 1 ? -0.119 3.952  -6.506  1.00 21.24 ? 1 PHE A CE1 1 
ATOM 10 C CE2 . PHE A 1 1 ? 2.206  4.266  -6.201  1.00 20.93 ? 1 PHE A CE2 1 
ATOM 11 C CZ  . PHE A 1 1 ? 0.939  4.347  -5.719  1.00 19.47 ? 1 PHE A CZ  1 
ATOM 12 N N   . GLY A 1 2 ? 0.802  0.125  -7.930  1.00 17.44 ? 2 GLY A N   1 
ATOM 13 C CA  . GLY A 1 2 ? -0.197 -0.503 -7.146  1.00 15.22 ? 2 GLY A CA  1 
ATOM 14 C C   . GLY A 1 2 ? 0.058  -0.136 -5.701  1.00 12.56 ? 2 GLY A C   1 
ATOM 15 O O   . GLY A 1 2 ? 1.158  -0.280 -5.209  1.00 13.33 ? 2 GLY A O   1 
ATOM 16 N N   . ALA A 1 3 ? -0.975 0.304  -5.025  1.00 10.74 ? 3 ALA A N   1 
ATOM 17 C CA  . ALA A 1 3 ? -0.854 0.620  -3.589  1.00 12.19 ? 3 ALA A CA  1 
ATOM 18 C C   . ALA A 1 3 ? -2.098 0.254  -2.718  1.00 13.06 ? 3 ALA A C   1 
ATOM 19 O O   . ALA A 1 3 ? -3.256 0.435  -3.104  1.00 10.43 ? 3 ALA A O   1 
ATOM 20 C CB  . ALA A 1 3 ? -0.504 2.089  -3.393  1.00 10.46 ? 3 ALA A CB  1 
ATOM 21 N N   . ILE A 1 4 ? -1.813 -0.228 -1.508  1.00 13.41 ? 4 ILE A N   1 
ATOM 22 C CA  . ILE A 1 4 ? -2.835 -0.414 -0.519  1.00 14.95 ? 4 ILE A CA  1 
ATOM 23 C C   . ILE A 1 4 ? -2.344 0.251  0.776   1.00 13.67 ? 4 ILE A C   1 
ATOM 24 O O   . ILE A 1 4 ? -1.190 0.158  1.136   1.00 12.92 ? 4 ILE A O   1 
ATOM 25 C CB  . ILE A 1 4 ? -3.114 -1.905 -0.306  1.00 15.40 ? 4 ILE A CB  1 
ATOM 26 C CG1 . ILE A 1 4 ? -3.596 -2.560 -1.604  1.00 17.68 ? 4 ILE A CG1 1 
ATOM 27 C CG2 . ILE A 1 4 ? -4.122 -2.090 0.789   1.00 19.18 ? 4 ILE A CG2 1 
ATOM 28 C CD1 . ILE A 1 4 ? -4.215 -3.958 -1.409  1.00 19.75 ? 4 ILE A CD1 1 
ATOM 29 N N   . LEU A 1 5 ? -3.222 0.972  1.434   1.00 12.57 ? 5 LEU A N   1 
ATOM 30 C CA  . LEU A 1 5 ? -2.915 1.580  2.752   1.00 14.80 ? 5 LEU A CA  1 
ATOM 31 C C   . LEU A 1 5 ? -4.111 1.371  3.692   1.00 15.78 ? 5 LEU A C   1 
ATOM 32 O O   . LEU A 1 5 ? -5.245 1.685  3.325   1.00 15.09 ? 5 LEU A O   1 
ATOM 33 C CB  . LEU A 1 5 ? -2.659 3.074  2.600   1.00 14.05 ? 5 LEU A CB  1 
ATOM 34 C CG  . LEU A 1 5 ? -2.587 3.885  3.864   1.00 14.25 ? 5 LEU A CG  1 
ATOM 35 C CD1 . LEU A 1 5 ? -1.425 3.437  4.691   1.00 13.88 ? 5 LEU A CD1 1 
ATOM 36 C CD2 . LEU A 1 5 ? -2.384 5.320  3.491   1.00 19.19 ? 5 LEU A CD2 1 
ATOM 37 N N   . SER A 1 6 ? -3.862 0.833  4.895   1.00 19.58 ? 6 SER A N   1 
ATOM 38 C CA  . SER A 1 6 ? -4.882 0.715  5.921   1.00 22.47 ? 6 SER A CA  1 
ATOM 39 C C   . SER A 1 6 ? -4.421 1.232  7.243   1.00 22.14 ? 6 SER A C   1 
ATOM 40 O O   . SER A 1 6 ? -3.331 0.966  7.677   1.00 20.86 ? 6 SER A O   1 
ATOM 41 C CB  . SER A 1 6 ? -5.334 -0.723 6.124   1.00 24.73 ? 6 SER A CB  1 
ATOM 42 O OG  . SER A 1 6 ? -6.566 -0.688 6.838   1.00 26.37 ? 6 SER A OG  1 
ATOM 43 N N   . SER A 1 7 ? -5.272 2.001  7.870   1.00 27.91 ? 7 SER A N   1 
ATOM 44 C CA  . SER A 1 7 ? -5.069 2.403  9.240   1.00 35.31 ? 7 SER A CA  1 
ATOM 45 C C   . SER A 1 7 ? -6.381 2.016  9.838   1.00 41.10 ? 7 SER A C   1 
ATOM 46 O O   . SER A 1 7 ? -6.600 0.808  10.000  1.00 52.84 ? 7 SER A O   1 
ATOM 47 C CB  . SER A 1 7 ? -4.836 3.910  9.359   1.00 41.79 ? 7 SER A CB  1 
ATOM 48 O OG  . SER A 1 7 ? -5.037 4.346  10.698  1.00 49.78 ? 7 SER A OG  1 
ATOM 49 O OXT . SER A 1 7 ? -7.232 2.877  10.080  1.00 46.14 ? 7 SER A OXT 1 
ATOM 50 N N   . PHE B 1 1 ? -0.922 0.558  11.246  1.00 19.49 ? 1 PHE B N   1 
ATOM 51 C CA  . PHE B 1 1 ? -1.340 0.668  9.851   1.00 20.71 ? 1 PHE B CA  1 
ATOM 52 C C   . PHE B 1 1 ? -0.517 -0.342 9.099   1.00 19.28 ? 1 PHE B C   1 
ATOM 53 O O   . PHE B 1 1 ? 0.485  -0.839 9.586   1.00 19.76 ? 1 PHE B O   1 
ATOM 54 C CB  . PHE B 1 1 ? -1.020 2.060  9.307   1.00 28.89 ? 1 PHE B CB  1 
ATOM 55 C CG  . PHE B 1 1 ? 0.432  2.355  9.310   1.00 36.12 ? 1 PHE B CG  1 
ATOM 56 C CD1 . PHE B 1 1 ? 1.225  2.013  8.217   1.00 38.99 ? 1 PHE B CD1 1 
ATOM 57 C CD2 . PHE B 1 1 ? 1.026  2.907  10.440  1.00 45.28 ? 1 PHE B CD2 1 
ATOM 58 C CE1 . PHE B 1 1 ? 2.587  2.242  8.243   1.00 48.32 ? 1 PHE B CE1 1 
ATOM 59 C CE2 . PHE B 1 1 ? 2.388  3.147  10.474  1.00 54.51 ? 1 PHE B CE2 1 
ATOM 60 C CZ  . PHE B 1 1 ? 3.169  2.811  9.376   1.00 55.84 ? 1 PHE B CZ  1 
ATOM 61 N N   . GLY B 1 2 ? -0.935 -0.608 7.883   1.00 16.43 ? 2 GLY B N   1 
ATOM 62 C CA  . GLY B 1 2 ? -0.168 -1.434 6.988   1.00 15.50 ? 2 GLY B CA  1 
ATOM 63 C C   . GLY B 1 2 ? -0.246 -0.822 5.607   1.00 13.29 ? 2 GLY B C   1 
ATOM 64 O O   . GLY B 1 2 ? -1.256 -0.170 5.247   1.00 12.73 ? 2 GLY B O   1 
ATOM 65 N N   . ALA B 1 3 ? 0.802  -1.043 4.820   1.00 12.82 ? 3 ALA B N   1 
ATOM 66 C CA  . ALA B 1 3 ? 0.903  -0.424 3.501   1.00 14.39 ? 3 ALA B CA  1 
ATOM 67 C C   . ALA B 1 3 ? 1.673  -1.355 2.585   1.00 12.07 ? 3 ALA B C   1 
ATOM 68 O O   . ALA B 1 3 ? 2.635  -1.969 3.011   1.00 15.32 ? 3 ALA B O   1 
ATOM 69 C CB  . ALA B 1 3 ? 1.605  0.928  3.631   1.00 14.00 ? 3 ALA B CB  1 
ATOM 70 N N   . ILE B 1 4 ? 1.168  -1.529 1.374   1.00 12.95 ? 4 ILE B N   1 
ATOM 71 C CA  . ILE B 1 4 ? 1.783  -2.327 0.300   1.00 13.02 ? 4 ILE B CA  1 
ATOM 72 C C   . ILE B 1 4 ? 1.907  -1.384 -0.895  1.00 12.28 ? 4 ILE B C   1 
ATOM 73 O O   . ILE B 1 4 ? 0.921  -0.755 -1.240  1.00 13.30 ? 4 ILE B O   1 
ATOM 74 C CB  . ILE B 1 4 ? 0.909  -3.483 -0.153  1.00 11.62 ? 4 ILE B CB  1 
ATOM 75 C CG1 . ILE B 1 4 ? 0.519  -4.340 1.047   1.00 14.19 ? 4 ILE B CG1 1 
ATOM 76 C CG2 . ILE B 1 4 ? 1.661  -4.322 -1.142  1.00 14.29 ? 4 ILE B CG2 1 
ATOM 77 C CD1 . ILE B 1 4 ? -0.251 -5.629 0.751   1.00 18.75 ? 4 ILE B CD1 1 
ATOM 78 N N   . LEU B 1 5 ? 3.114  -1.283 -1.470  1.00 14.96 ? 5 LEU B N   1 
ATOM 79 C CA  . LEU B 1 5 ? 3.416  -0.480 -2.683  1.00 14.99 ? 5 LEU B CA  1 
ATOM 80 C C   . LEU B 1 5 ? 4.154  -1.302 -3.749  1.00 15.77 ? 5 LEU B C   1 
ATOM 81 O O   . LEU B 1 5 ? 5.197  -1.881 -3.472  1.00 16.51 ? 5 LEU B O   1 
ATOM 82 C CB  . LEU B 1 5 ? 4.246  0.739  -2.321  1.00 16.78 ? 5 LEU B CB  1 
ATOM 83 C CG  . LEU B 1 5 ? 4.702  1.716  -3.462  1.00 23.31 ? 5 LEU B CG  1 
ATOM 84 C CD1 . LEU B 1 5 ? 3.600  2.083  -4.429  1.00 27.53 ? 5 LEU B CD1 1 
ATOM 85 C CD2 . LEU B 1 5 ? 5.273  3.011  -2.930  1.00 23.23 ? 5 LEU B CD2 1 
ATOM 86 N N   . SER B 1 6 ? 3.630  -1.372 -4.965  1.00 17.22 ? 6 SER B N   1 
ATOM 87 C CA  . SER B 1 6 ? 4.397  -1.945 -6.077  1.00 18.40 ? 6 SER B CA  1 
ATOM 88 C C   . SER B 1 6 ? 4.550  -0.855 -7.107  1.00 22.54 ? 6 SER B C   1 
ATOM 89 O O   . SER B 1 6 ? 3.572  -0.216 -7.462  1.00 19.17 ? 6 SER B O   1 
ATOM 90 C CB  . SER B 1 6 ? 3.726  -3.158 -6.729  1.00 20.15 ? 6 SER B CB  1 
ATOM 91 O OG  . SER B 1 6 ? 2.385  -2.905 -7.078  1.00 25.93 ? 6 SER B OG  1 
ATOM 92 N N   . SER B 1 7 ? 5.780  -0.677 -7.578  1.00 28.46 ? 7 SER B N   1 
ATOM 93 C CA  . SER B 1 7 ? 6.095  0.162  -8.753  1.00 45.51 ? 7 SER B CA  1 
ATOM 94 C C   . SER B 1 7 ? 6.936  -0.574 -9.844  1.00 59.46 ? 7 SER B C   1 
ATOM 95 O O   . SER B 1 7 ? 7.348  -1.736 -9.697  1.00 84.59 ? 7 SER B O   1 
ATOM 96 C CB  . SER B 1 7 ? 6.800  1.443  -8.305  1.00 44.88 ? 7 SER B CB  1 
ATOM 97 O OG  . SER B 1 7 ? 5.880  2.331  -7.703  1.00 52.36 ? 7 SER B OG  1 
ATOM 98 O OXT . SER B 1 7 ? 7.221  -0.048 -10.936 1.00 74.00 ? 7 SER B OXT 1 
# 
